data_5EEA
#
_entry.id   5EEA
#
_cell.length_a   77.356
_cell.length_b   57.918
_cell.length_c   101.278
_cell.angle_alpha   90.00
_cell.angle_beta   101.57
_cell.angle_gamma   90.00
#
_symmetry.space_group_name_H-M   'P 1 2 1'
#
loop_
_entity.id
_entity.type
_entity.pdbx_description
1 polymer "DNA (5'-D(P*TP*TP*GP*TP*GP*TP*TP*TP*TP*AP*TP*TP*GP*GP*GP*TP*CP*C)-3')"
2 polymer "DNA (5'-D(P*GP*GP*AP*CP*CP*CP*AP*AP*TP*AP*AP*AP*AP*CP*AP*CP*AP*A)-3')"
3 polymer 'Homeobox protein Hox-B13'
4 water water
#
loop_
_entity_poly.entity_id
_entity_poly.type
_entity_poly.pdbx_seq_one_letter_code
_entity_poly.pdbx_strand_id
1 'polydeoxyribonucleotide' (DT)(DT)(DG)(DT)(DG)(DT)(DT)(DT)(DT)(DA)(DT)(DT)(DG)(DG)(DG)(DT)(DC)(DC) D,C,H,K
2 'polydeoxyribonucleotide' (DG)(DG)(DA)(DC)(DC)(DC)(DA)(DA)(DT)(DA)(DA)(DA)(DA)(DC)(DA)(DC)(DA)(DA) E,F,I,L
3 'polypeptide(L)' RKKRIPYSKGQLRELEREYAANKFITKDKRRKISAATSLSERQITIWFQNRRVKEKKVLAKVK B,A,G,J
#
loop_
_chem_comp.id
_chem_comp.type
_chem_comp.name
_chem_comp.formula
DA DNA linking 2'-DEOXYADENOSINE-5'-MONOPHOSPHATE 'C10 H14 N5 O6 P'
DC DNA linking 2'-DEOXYCYTIDINE-5'-MONOPHOSPHATE 'C9 H14 N3 O7 P'
DG DNA linking 2'-DEOXYGUANOSINE-5'-MONOPHOSPHATE 'C10 H14 N5 O7 P'
DT DNA linking THYMIDINE-5'-MONOPHOSPHATE 'C10 H15 N2 O8 P'
#
# COMPACT_ATOMS: atom_id res chain seq x y z
N ARG I 1 -4.78 0.24 9.56
CA ARG I 1 -3.73 0.46 8.52
C ARG I 1 -3.61 1.96 8.20
N LYS I 2 -3.28 2.75 9.22
CA LYS I 2 -3.16 4.22 9.07
C LYS I 2 -1.69 4.59 8.88
N LYS I 3 -1.44 5.49 7.93
CA LYS I 3 -0.15 5.52 7.24
C LYS I 3 0.89 6.49 7.76
N ARG I 4 2.13 6.06 7.64
CA ARG I 4 3.17 6.72 8.37
C ARG I 4 3.46 8.14 7.91
N ILE I 5 3.91 8.99 8.85
CA ILE I 5 4.23 10.39 8.56
C ILE I 5 5.66 10.61 9.00
N PRO I 6 6.58 10.78 8.03
CA PRO I 6 7.97 11.02 8.36
C PRO I 6 8.17 12.25 9.24
N TYR I 7 9.20 12.26 10.06
CA TYR I 7 9.48 13.39 10.94
C TYR I 7 10.27 14.48 10.28
N SER I 8 9.97 15.71 10.64
CA SER I 8 10.68 16.85 10.01
C SER I 8 12.13 16.90 10.46
N LYS I 9 12.87 17.75 9.80
CA LYS I 9 14.27 18.01 10.15
C LYS I 9 14.45 18.50 11.60
N GLY I 10 13.63 19.43 12.03
CA GLY I 10 13.73 19.95 13.38
C GLY I 10 13.31 18.92 14.45
N GLN I 11 12.34 18.12 14.11
CA GLN I 11 11.97 17.00 14.95
C GLN I 11 13.06 15.96 15.11
N LEU I 12 13.60 15.53 13.99
CA LEU I 12 14.71 14.54 14.03
C LEU I 12 15.91 15.10 14.79
N ARG I 13 16.22 16.39 14.58
CA ARG I 13 17.33 16.98 15.28
C ARG I 13 17.14 16.85 16.80
N GLU I 14 15.96 17.11 17.33
CA GLU I 14 15.75 16.98 18.77
C GLU I 14 15.88 15.51 19.21
N LEU I 15 15.29 14.57 18.45
CA LEU I 15 15.38 13.16 18.77
C LEU I 15 16.81 12.63 18.74
N GLU I 16 17.48 12.84 17.60
CA GLU I 16 18.88 12.51 17.48
C GLU I 16 19.73 13.12 18.63
N ARG I 17 19.49 14.39 18.96
CA ARG I 17 20.35 15.00 19.95
C ARG I 17 20.21 14.20 21.24
N GLU I 18 18.96 13.96 21.63
CA GLU I 18 18.73 13.30 22.90
C GLU I 18 19.24 11.88 22.93
N TYR I 19 19.08 11.18 21.79
CA TYR I 19 19.58 9.86 21.61
C TYR I 19 21.06 9.80 21.81
N ALA I 20 21.79 10.72 21.17
CA ALA I 20 23.22 10.81 21.38
C ALA I 20 23.58 10.99 22.87
N ALA I 21 22.78 11.69 23.66
CA ALA I 21 23.03 11.79 25.08
C ALA I 21 22.72 10.51 25.89
N ASN I 22 21.61 9.83 25.56
CA ASN I 22 21.31 8.56 26.16
C ASN I 22 20.47 7.68 25.24
N LYS I 23 20.93 6.44 25.01
CA LYS I 23 20.19 5.54 24.12
CA LYS I 23 20.24 5.40 24.21
C LYS I 23 18.79 5.17 24.61
N PHE I 24 18.53 5.27 25.90
CA PHE I 24 17.22 4.95 26.51
C PHE I 24 16.52 6.18 27.06
N ILE I 25 15.36 6.53 26.50
CA ILE I 25 14.66 7.72 26.94
C ILE I 25 14.10 7.53 28.38
N THR I 26 14.15 8.59 29.19
CA THR I 26 13.54 8.61 30.52
C THR I 26 12.22 9.32 30.40
N LYS I 27 11.38 9.13 31.42
CA LYS I 27 10.07 9.73 31.45
C LYS I 27 10.09 11.26 31.29
N ASP I 28 10.99 11.91 32.00
CA ASP I 28 11.04 13.36 32.00
C ASP I 28 11.56 13.88 30.63
N LYS I 29 12.60 13.30 30.11
CA LYS I 29 13.07 13.67 28.76
C LYS I 29 12.11 13.33 27.61
N ARG I 30 11.25 12.34 27.84
CA ARG I 30 10.17 12.01 26.90
C ARG I 30 9.14 13.09 26.90
N ARG I 31 8.70 13.50 28.09
CA ARG I 31 7.82 14.70 28.19
C ARG I 31 8.36 15.92 27.49
N LYS I 32 9.64 16.18 27.65
CA LYS I 32 10.21 17.44 27.18
C LYS I 32 10.40 17.36 25.65
N ILE I 33 10.78 16.20 25.16
CA ILE I 33 10.83 15.98 23.71
C ILE I 33 9.45 16.08 23.08
N SER I 34 8.44 15.62 23.77
CA SER I 34 7.10 15.74 23.22
C SER I 34 6.72 17.22 23.06
N ALA I 35 6.92 18.02 24.14
CA ALA I 35 6.71 19.48 24.06
C ALA I 35 7.53 20.12 22.94
N ALA I 36 8.80 19.74 22.80
CA ALA I 36 9.64 20.36 21.82
C ALA I 36 9.34 19.95 20.38
N THR I 37 8.84 18.73 20.16
CA THR I 37 8.53 18.21 18.81
C THR I 37 7.06 18.14 18.38
N SER I 38 6.08 18.13 19.31
CA SER I 38 4.64 17.85 19.01
C SER I 38 4.34 16.36 18.65
N LEU I 39 5.35 15.50 18.75
CA LEU I 39 5.17 14.03 18.70
C LEU I 39 4.62 13.62 20.04
N SER I 40 3.77 12.61 20.04
CA SER I 40 3.28 12.02 21.28
C SER I 40 4.38 11.23 21.96
N GLU I 41 4.19 10.98 23.25
CA GLU I 41 5.19 10.25 24.00
C GLU I 41 5.35 8.87 23.39
N ARG I 42 4.23 8.23 23.03
CA ARG I 42 4.28 6.94 22.31
C ARG I 42 5.16 7.03 21.05
N GLN I 43 4.98 8.07 20.22
CA GLN I 43 5.78 8.14 19.04
C GLN I 43 7.25 8.22 19.39
N ILE I 44 7.55 8.92 20.45
CA ILE I 44 8.94 9.10 20.85
C ILE I 44 9.54 7.80 21.35
N THR I 45 8.83 7.09 22.17
CA THR I 45 9.29 5.79 22.64
C THR I 45 9.58 4.89 21.43
N ILE I 46 8.67 4.92 20.45
CA ILE I 46 8.75 4.01 19.32
C ILE I 46 10.00 4.47 18.59
N TRP I 47 10.19 5.78 18.49
CA TRP I 47 11.37 6.25 17.81
C TRP I 47 12.68 5.79 18.41
N PHE I 48 12.78 5.79 19.73
CA PHE I 48 13.98 5.32 20.34
C PHE I 48 14.15 3.84 20.09
N GLN I 49 13.09 3.10 20.30
CA GLN I 49 13.09 1.67 20.03
C GLN I 49 13.62 1.42 18.60
N ASN I 50 13.03 2.10 17.66
CA ASN I 50 13.46 1.99 16.31
C ASN I 50 14.90 2.40 16.08
N ARG I 51 15.37 3.42 16.78
CA ARG I 51 16.67 3.95 16.60
C ARG I 51 17.77 3.03 17.05
N ARG I 52 17.57 2.35 18.18
CA ARG I 52 18.46 1.26 18.62
C ARG I 52 18.48 0.08 17.64
N VAL I 53 17.37 -0.27 16.98
CA VAL I 53 17.49 -1.31 15.89
C VAL I 53 18.46 -0.87 14.83
N LYS I 54 18.45 0.44 14.54
CA LYS I 54 19.27 0.97 13.46
C LYS I 54 20.74 0.90 13.88
N GLU I 55 21.06 1.39 15.06
CA GLU I 55 22.44 1.33 15.50
C GLU I 55 22.94 -0.11 15.51
N LYS I 56 22.16 -1.02 16.09
N LYS I 56 22.16 -1.04 16.08
CA LYS I 56 22.50 -2.44 16.10
CA LYS I 56 22.54 -2.45 16.12
C LYS I 56 22.84 -2.96 14.70
C LYS I 56 22.83 -3.00 14.70
N LYS I 57 21.95 -2.67 13.76
CA LYS I 57 22.08 -3.06 12.35
C LYS I 57 23.32 -2.49 11.66
N VAL I 58 23.69 -1.24 11.98
CA VAL I 58 24.80 -0.54 11.32
C VAL I 58 26.19 -0.88 11.89
N LEU I 59 26.26 -1.30 13.16
CA LEU I 59 27.49 -1.81 13.73
C LEU I 59 27.87 -3.08 12.99
N ALA I 60 26.88 -3.99 12.93
CA ALA I 60 26.97 -5.28 12.23
C ALA I 60 27.36 -5.21 10.73
N LYS I 61 27.14 -4.06 10.09
CA LYS I 61 27.55 -3.76 8.71
C LYS I 61 26.74 -4.61 7.75
N ARG J 1 5.56 30.56 17.68
CA ARG J 1 4.62 29.52 17.17
C ARG J 1 4.98 29.13 15.72
N LYS J 2 4.97 27.85 15.35
CA LYS J 2 4.50 26.72 16.18
C LYS J 2 5.56 25.96 17.03
N LYS J 3 6.67 25.44 16.48
CA LYS J 3 7.20 25.69 15.11
C LYS J 3 6.80 24.69 13.97
N ARG J 4 6.88 25.15 12.73
CA ARG J 4 6.22 24.48 11.65
C ARG J 4 6.72 23.09 11.31
N ILE J 5 5.77 22.24 10.88
CA ILE J 5 6.08 20.86 10.51
C ILE J 5 5.60 20.62 9.08
N PRO J 6 6.51 20.49 8.08
CA PRO J 6 6.03 20.26 6.74
C PRO J 6 5.28 18.98 6.62
N TYR J 7 4.36 18.99 5.68
CA TYR J 7 3.47 17.90 5.43
C TYR J 7 4.07 16.80 4.57
N SER J 8 3.75 15.52 4.82
CA SER J 8 4.34 14.40 3.98
C SER J 8 3.86 14.43 2.55
N LYS J 9 4.62 13.84 1.68
CA LYS J 9 4.19 13.47 0.33
C LYS J 9 2.74 13.01 0.22
N GLY J 10 2.33 12.12 1.11
CA GLY J 10 0.98 11.56 1.06
C GLY J 10 -0.11 12.51 1.50
N GLN J 11 0.20 13.29 2.52
CA GLN J 11 -0.69 14.34 2.95
C GLN J 11 -0.85 15.37 1.85
N LEU J 12 0.25 15.72 1.21
CA LEU J 12 0.17 16.74 0.18
C LEU J 12 -0.64 16.22 -0.97
N ARG J 13 -0.37 14.99 -1.37
CA ARG J 13 -1.16 14.36 -2.46
C ARG J 13 -2.65 14.50 -2.24
N GLU J 14 -3.15 14.13 -1.07
CA GLU J 14 -4.56 14.34 -0.75
C GLU J 14 -5.06 15.79 -0.83
N LEU J 15 -4.28 16.76 -0.28
CA LEU J 15 -4.70 18.13 -0.23
C LEU J 15 -4.73 18.73 -1.61
N GLU J 16 -3.67 18.48 -2.37
CA GLU J 16 -3.59 18.88 -3.75
C GLU J 16 -4.72 18.32 -4.59
N ARG J 17 -5.07 17.06 -4.45
CA ARG J 17 -6.17 16.56 -5.33
C ARG J 17 -7.55 17.12 -4.92
N GLU J 18 -7.75 17.37 -3.65
CA GLU J 18 -9.01 18.00 -3.29
C GLU J 18 -9.04 19.43 -3.82
N TYR J 19 -7.91 20.14 -3.74
CA TYR J 19 -7.80 21.52 -4.19
C TYR J 19 -8.06 21.65 -5.69
N ALA J 20 -7.46 20.73 -6.46
CA ALA J 20 -7.71 20.67 -7.91
C ALA J 20 -9.18 20.45 -8.23
N ALA J 21 -9.91 19.73 -7.40
CA ALA J 21 -11.33 19.52 -7.62
C ALA J 21 -12.20 20.71 -7.16
N ASN J 22 -11.88 21.29 -6.00
CA ASN J 22 -12.50 22.55 -5.59
C ASN J 22 -11.49 23.37 -4.74
N LYS J 23 -11.31 24.64 -5.11
CA LYS J 23 -10.41 25.57 -4.46
C LYS J 23 -10.81 25.95 -3.04
N PHE J 24 -12.09 25.78 -2.68
CA PHE J 24 -12.60 26.11 -1.36
C PHE J 24 -13.07 24.85 -0.73
N ILE J 25 -12.55 24.51 0.46
CA ILE J 25 -12.92 23.22 1.06
C ILE J 25 -14.32 23.31 1.71
N THR J 26 -15.18 22.31 1.52
CA THR J 26 -16.46 22.20 2.25
C THR J 26 -16.25 21.46 3.57
N LYS J 27 -17.20 21.60 4.50
CA LYS J 27 -17.11 20.94 5.81
C LYS J 27 -16.98 19.42 5.77
N ASP J 28 -17.80 18.77 4.96
CA ASP J 28 -17.69 17.34 4.83
C ASP J 28 -16.34 16.91 4.23
N LYS J 29 -15.92 17.59 3.18
CA LYS J 29 -14.65 17.23 2.61
C LYS J 29 -13.48 17.47 3.55
N ARG J 30 -13.62 18.47 4.43
CA ARG J 30 -12.58 18.81 5.37
C ARG J 30 -12.46 17.71 6.42
N ARG J 31 -13.58 17.24 6.94
CA ARG J 31 -13.52 16.09 7.89
C ARG J 31 -13.07 14.76 7.19
N LYS J 32 -13.32 14.61 5.90
CA LYS J 32 -12.77 13.46 5.17
C LYS J 32 -11.24 13.56 4.99
N ILE J 33 -10.75 14.76 4.71
CA ILE J 33 -9.32 14.88 4.52
C ILE J 33 -8.61 14.75 5.84
N SER J 34 -9.20 15.30 6.88
CA SER J 34 -8.62 15.15 8.21
C SER J 34 -8.41 13.67 8.55
N ALA J 35 -9.48 12.88 8.39
CA ALA J 35 -9.38 11.44 8.52
C ALA J 35 -8.28 10.83 7.62
N ALA J 36 -8.18 11.21 6.37
CA ALA J 36 -7.19 10.60 5.48
C ALA J 36 -5.77 10.99 5.81
N THR J 37 -5.57 12.20 6.36
CA THR J 37 -4.22 12.77 6.56
C THR J 37 -3.67 12.82 7.98
N SER J 38 -4.54 12.67 8.99
CA SER J 38 -4.18 12.98 10.39
C SER J 38 -3.91 14.47 10.69
N LEU J 39 -4.20 15.38 9.73
CA LEU J 39 -4.03 16.85 9.93
C LEU J 39 -5.28 17.31 10.61
N SER J 40 -5.23 18.34 11.46
CA SER J 40 -6.47 18.91 12.01
C SER J 40 -7.32 19.64 10.96
N GLU J 41 -8.61 19.77 11.26
CA GLU J 41 -9.48 20.56 10.39
C GLU J 41 -8.95 22.00 10.22
N ARG J 42 -8.53 22.63 11.32
CA ARG J 42 -7.87 23.96 11.25
C ARG J 42 -6.64 23.98 10.34
N GLN J 43 -5.81 22.97 10.46
CA GLN J 43 -4.67 22.89 9.61
C GLN J 43 -5.17 22.83 8.15
N ILE J 44 -6.21 22.07 7.91
CA ILE J 44 -6.67 21.92 6.52
C ILE J 44 -7.18 23.23 5.96
N THR J 45 -7.92 23.97 6.79
CA THR J 45 -8.42 25.29 6.40
C THR J 45 -7.33 26.22 5.98
N ILE J 46 -6.22 26.10 6.69
CA ILE J 46 -5.11 27.03 6.59
C ILE J 46 -4.35 26.67 5.35
N TRP J 47 -4.17 25.37 5.16
CA TRP J 47 -3.57 24.89 3.92
C TRP J 47 -4.32 25.36 2.73
N PHE J 48 -5.64 25.28 2.76
CA PHE J 48 -6.38 25.80 1.63
C PHE J 48 -6.21 27.29 1.41
N GLN J 49 -6.31 28.07 2.48
CA GLN J 49 -6.17 29.52 2.27
C GLN J 49 -4.79 29.82 1.78
N ASN J 50 -3.77 29.19 2.31
CA ASN J 50 -2.44 29.38 1.82
C ASN J 50 -2.26 28.97 0.36
N ARG J 51 -2.94 27.91 -0.05
CA ARG J 51 -2.80 27.39 -1.35
C ARG J 51 -3.37 28.38 -2.36
N ARG J 52 -4.51 28.99 -2.03
CA ARG J 52 -5.04 30.07 -2.86
C ARG J 52 -4.08 31.26 -2.96
N VAL J 53 -3.41 31.66 -1.87
CA VAL J 53 -2.39 32.72 -2.00
C VAL J 53 -1.32 32.29 -3.03
N LYS J 54 -0.88 31.02 -2.94
CA LYS J 54 0.14 30.53 -3.85
C LYS J 54 -0.27 30.69 -5.31
N GLU J 55 -1.52 30.28 -5.61
CA GLU J 55 -2.01 30.27 -6.98
C GLU J 55 -2.19 31.70 -7.49
N LYS J 56 -2.62 32.59 -6.59
CA LYS J 56 -2.70 34.00 -6.92
C LYS J 56 -1.28 34.49 -7.26
N LYS J 57 -0.32 34.31 -6.37
CA LYS J 57 1.11 34.63 -6.63
C LYS J 57 1.61 34.09 -7.97
N VAL J 58 1.36 32.80 -8.21
CA VAL J 58 1.97 32.12 -9.35
C VAL J 58 1.35 32.58 -10.68
N LEU J 59 0.04 32.81 -10.72
CA LEU J 59 -0.63 33.41 -11.90
C LEU J 59 -0.18 34.85 -12.17
N ALA J 60 0.00 35.62 -11.10
CA ALA J 60 0.58 36.96 -11.15
C ALA J 60 2.10 36.88 -11.42
N LYS J 61 2.46 36.44 -12.62
CA LYS J 61 3.83 36.36 -13.08
C LYS J 61 3.73 36.31 -14.60
N VAL J 62 4.14 37.38 -15.29
CA VAL J 62 3.71 37.65 -16.68
C VAL J 62 4.21 36.61 -17.69
N ARG K 1 -3.60 -2.41 -2.08
CA ARG K 1 -4.60 -2.15 -3.17
C ARG K 1 -4.01 -2.49 -4.54
N LYS K 2 -4.00 -3.76 -4.98
CA LYS K 2 -4.36 -4.94 -4.17
C LYS K 2 -3.20 -5.67 -3.42
N LYS K 3 -2.15 -6.19 -4.07
CA LYS K 3 -1.66 -5.84 -5.41
C LYS K 3 -2.07 -6.84 -6.51
N ARG K 4 -1.87 -6.47 -7.76
CA ARG K 4 -2.62 -7.13 -8.79
C ARG K 4 -2.14 -8.54 -9.08
N ILE K 5 -3.08 -9.43 -9.44
CA ILE K 5 -2.78 -10.82 -9.87
C ILE K 5 -3.24 -11.00 -11.34
N PRO K 6 -2.28 -11.14 -12.28
CA PRO K 6 -2.66 -11.31 -13.67
C PRO K 6 -3.50 -12.55 -13.88
N TYR K 7 -4.38 -12.54 -14.83
CA TYR K 7 -5.27 -13.69 -15.08
C TYR K 7 -4.64 -14.79 -15.93
N SER K 8 -4.99 -16.03 -15.66
CA SER K 8 -4.40 -17.16 -16.47
C SER K 8 -4.94 -17.21 -17.90
N LYS K 9 -4.27 -18.01 -18.70
CA LYS K 9 -4.64 -18.21 -20.10
C LYS K 9 -6.08 -18.70 -20.23
N GLY K 10 -6.45 -19.67 -19.40
CA GLY K 10 -7.83 -20.16 -19.33
C GLY K 10 -8.87 -19.17 -18.80
N GLN K 11 -8.49 -18.36 -17.86
CA GLN K 11 -9.38 -17.26 -17.46
C GLN K 11 -9.52 -16.27 -18.56
N LEU K 12 -8.40 -15.85 -19.13
CA LEU K 12 -8.47 -14.84 -20.21
C LEU K 12 -9.33 -15.35 -21.35
N ARG K 13 -9.13 -16.61 -21.75
CA ARG K 13 -9.90 -17.19 -22.87
C ARG K 13 -11.38 -17.11 -22.62
N GLU K 14 -11.84 -17.39 -21.40
CA GLU K 14 -13.27 -17.35 -21.15
C GLU K 14 -13.78 -15.92 -21.20
N LEU K 15 -12.98 -14.97 -20.67
CA LEU K 15 -13.39 -13.59 -20.66
C LEU K 15 -13.47 -13.02 -22.04
N GLU K 16 -12.39 -13.18 -22.80
CA GLU K 16 -12.36 -12.73 -24.16
C GLU K 16 -13.41 -13.39 -25.04
N ARG K 17 -13.75 -14.66 -24.77
CA ARG K 17 -14.81 -15.26 -25.53
C ARG K 17 -16.15 -14.56 -25.27
N GLU K 18 -16.43 -14.21 -24.01
CA GLU K 18 -17.75 -13.65 -23.77
C GLU K 18 -17.81 -12.23 -24.28
N TYR K 19 -16.69 -11.48 -24.12
CA TYR K 19 -16.58 -10.13 -24.60
C TYR K 19 -16.88 -10.02 -26.11
N ALA K 20 -16.30 -10.90 -26.93
CA ALA K 20 -16.59 -10.94 -28.35
C ALA K 20 -18.08 -11.21 -28.63
N ALA K 21 -18.77 -11.98 -27.83
CA ALA K 21 -20.21 -12.15 -27.98
C ALA K 21 -20.99 -10.86 -27.57
N ASN K 22 -20.60 -10.25 -26.45
CA ASN K 22 -21.20 -8.99 -26.07
C ASN K 22 -20.22 -8.17 -25.23
N LYS K 23 -20.00 -6.93 -25.63
CA LYS K 23 -19.19 -5.95 -24.91
C LYS K 23 -19.61 -5.66 -23.50
N PHE K 24 -20.86 -5.89 -23.17
CA PHE K 24 -21.41 -5.60 -21.85
C PHE K 24 -21.85 -6.87 -21.19
N ILE K 25 -21.38 -7.14 -19.97
CA ILE K 25 -21.70 -8.42 -19.36
C ILE K 25 -23.07 -8.33 -18.70
N THR K 26 -23.79 -9.43 -18.79
CA THR K 26 -25.10 -9.57 -18.20
C THR K 26 -24.99 -10.35 -16.87
N LYS K 27 -25.97 -10.16 -16.00
CA LYS K 27 -25.91 -10.74 -14.67
C LYS K 27 -25.72 -12.22 -14.72
N ASP K 28 -26.48 -12.89 -15.57
CA ASP K 28 -26.37 -14.32 -15.70
C ASP K 28 -25.00 -14.77 -16.24
N LYS K 29 -24.59 -14.17 -17.35
CA LYS K 29 -23.26 -14.45 -17.89
C LYS K 29 -22.07 -14.15 -16.94
N ARG K 30 -22.25 -13.19 -16.02
CA ARG K 30 -21.23 -12.87 -15.02
C ARG K 30 -21.14 -13.99 -13.98
N ARG K 31 -22.30 -14.48 -13.54
CA ARG K 31 -22.39 -15.71 -12.68
C ARG K 31 -21.68 -16.90 -13.29
N LYS K 32 -21.93 -17.13 -14.56
CA LYS K 32 -21.36 -18.28 -15.28
C LYS K 32 -19.86 -18.14 -15.54
N ILE K 33 -19.44 -16.96 -15.93
CA ILE K 33 -18.01 -16.68 -16.02
C ILE K 33 -17.38 -16.81 -14.64
N SER K 34 -18.05 -16.36 -13.60
CA SER K 34 -17.44 -16.50 -12.26
C SER K 34 -17.17 -18.00 -11.92
N ALA K 35 -18.20 -18.80 -12.10
CA ALA K 35 -18.06 -20.25 -11.97
C ALA K 35 -17.00 -20.86 -12.89
N ALA K 36 -16.86 -20.41 -14.14
CA ALA K 36 -15.85 -20.99 -15.02
C ALA K 36 -14.42 -20.63 -14.61
N THR K 37 -14.22 -19.39 -14.18
CA THR K 37 -12.91 -18.81 -13.98
C THR K 37 -12.33 -18.77 -12.56
N SER K 38 -13.18 -18.92 -11.54
CA SER K 38 -12.85 -18.65 -10.12
C SER K 38 -12.63 -17.16 -9.83
N LEU K 39 -12.94 -16.27 -10.77
CA LEU K 39 -12.87 -14.80 -10.52
C LEU K 39 -14.16 -14.39 -9.84
N SER K 40 -14.09 -13.41 -8.93
CA SER K 40 -15.32 -12.85 -8.35
C SER K 40 -16.12 -12.08 -9.39
N GLU K 41 -17.38 -11.84 -9.11
CA GLU K 41 -18.22 -11.13 -10.05
C GLU K 41 -17.68 -9.77 -10.30
N ARG K 42 -17.19 -9.12 -9.23
CA ARG K 42 -16.58 -7.80 -9.27
C ARG K 42 -15.36 -7.74 -10.13
N GLN K 43 -14.47 -8.72 -10.01
CA GLN K 43 -13.31 -8.79 -10.94
C GLN K 43 -13.82 -8.89 -12.35
N ILE K 44 -14.91 -9.61 -12.58
CA ILE K 44 -15.45 -9.76 -13.96
C ILE K 44 -15.96 -8.43 -14.51
N THR K 45 -16.78 -7.75 -13.73
CA THR K 45 -17.26 -6.44 -14.08
C THR K 45 -16.09 -5.52 -14.44
N ILE K 46 -15.06 -5.48 -13.59
CA ILE K 46 -13.90 -4.62 -13.82
C ILE K 46 -13.13 -5.06 -15.08
N TRP K 47 -12.95 -6.35 -15.26
CA TRP K 47 -12.35 -6.81 -16.52
C TRP K 47 -13.10 -6.29 -17.76
N PHE K 48 -14.40 -6.34 -17.76
CA PHE K 48 -15.15 -5.86 -18.89
C PHE K 48 -15.00 -4.37 -19.04
N GLN K 49 -15.16 -3.69 -17.93
CA GLN K 49 -15.01 -2.22 -17.94
C GLN K 49 -13.61 -1.90 -18.53
N ASN K 50 -12.59 -2.55 -18.03
CA ASN K 50 -11.26 -2.34 -18.55
C ASN K 50 -11.09 -2.72 -20.01
N ARG K 51 -11.70 -3.81 -20.45
CA ARG K 51 -11.59 -4.32 -21.77
C ARG K 51 -12.15 -3.37 -22.80
N ARG K 52 -13.27 -2.72 -22.48
CA ARG K 52 -13.76 -1.61 -23.31
C ARG K 52 -12.83 -0.39 -23.35
N VAL K 53 -12.12 -0.07 -22.29
CA VAL K 53 -11.07 0.99 -22.42
C VAL K 53 -10.02 0.60 -23.43
N LYS K 54 -9.60 -0.67 -23.39
CA LYS K 54 -8.57 -1.12 -24.34
C LYS K 54 -9.07 -1.00 -25.79
N GLU K 55 -10.26 -1.50 -26.09
CA GLU K 55 -10.77 -1.41 -27.43
C GLU K 55 -10.93 0.06 -27.86
N LYS K 56 -11.57 0.90 -27.03
CA LYS K 56 -11.63 2.34 -27.35
C LYS K 56 -10.23 2.82 -27.71
N LYS K 57 -9.29 2.65 -26.78
CA LYS K 57 -7.87 2.99 -26.99
C LYS K 57 -7.37 2.49 -28.35
N VAL K 58 -7.53 1.21 -28.61
CA VAL K 58 -6.94 0.58 -29.81
C VAL K 58 -7.57 1.01 -31.15
N LEU K 59 -8.75 1.66 -31.14
CA LEU K 59 -9.55 1.92 -32.36
C LEU K 59 -9.08 2.92 -33.47
N ALA K 60 -9.25 4.24 -33.40
CA ALA K 60 -8.70 5.15 -32.35
C ALA K 60 -7.17 5.12 -32.30
N LYS K 61 -6.55 4.67 -33.39
CA LYS K 61 -5.12 4.75 -33.58
C LYS K 61 -4.80 4.43 -35.07
N VAL K 62 -4.83 5.44 -35.97
CA VAL K 62 -5.55 6.72 -35.78
C VAL K 62 -6.97 6.53 -36.33
N LYS K 63 -7.88 7.42 -35.96
CA LYS K 63 -9.21 7.46 -36.57
C LYS K 63 -9.42 8.83 -37.24
N ARG L 1 -13.45 -28.38 -11.98
CA ARG L 1 -12.76 -29.60 -11.45
C ARG L 1 -11.28 -29.75 -11.88
N LYS L 2 -10.39 -28.74 -11.71
CA LYS L 2 -10.63 -27.50 -10.95
C LYS L 2 -11.15 -26.28 -11.78
N LYS L 3 -10.39 -25.64 -12.67
CA LYS L 3 -9.07 -26.05 -13.17
C LYS L 3 -7.93 -25.12 -12.68
N ARG L 4 -6.70 -25.62 -12.72
CA ARG L 4 -5.60 -24.92 -12.08
C ARG L 4 -5.26 -23.53 -12.61
N ILE L 5 -4.74 -22.69 -11.72
CA ILE L 5 -4.49 -21.29 -11.97
C ILE L 5 -3.06 -21.02 -11.56
N PRO L 6 -2.14 -20.81 -12.52
CA PRO L 6 -0.75 -20.60 -12.07
C PRO L 6 -0.60 -19.34 -11.24
N TYR L 7 0.41 -19.35 -10.39
CA TYR L 7 0.69 -18.25 -9.50
C TYR L 7 1.52 -17.16 -10.16
N SER L 8 1.27 -15.92 -9.79
CA SER L 8 1.95 -14.78 -10.48
C SER L 8 3.39 -14.70 -10.01
N LYS L 9 4.17 -13.91 -10.70
CA LYS L 9 5.55 -13.65 -10.29
C LYS L 9 5.75 -13.17 -8.82
N GLY L 10 4.89 -12.27 -8.36
CA GLY L 10 5.04 -11.72 -7.01
C GLY L 10 4.67 -12.73 -5.94
N GLN L 11 3.68 -13.54 -6.29
CA GLN L 11 3.25 -14.62 -5.44
C GLN L 11 4.35 -15.67 -5.27
N LEU L 12 4.98 -16.05 -6.36
CA LEU L 12 6.04 -17.04 -6.30
C LEU L 12 7.25 -16.52 -5.57
N ARG L 13 7.61 -15.29 -5.85
CA ARG L 13 8.64 -14.59 -5.07
C ARG L 13 8.46 -14.80 -3.56
N GLU L 14 7.31 -14.40 -3.03
CA GLU L 14 7.01 -14.66 -1.60
C GLU L 14 7.16 -16.13 -1.18
N LEU L 15 6.64 -17.09 -1.99
CA LEU L 15 6.68 -18.49 -1.62
C LEU L 15 8.13 -19.01 -1.66
N GLU L 16 8.82 -18.69 -2.73
CA GLU L 16 10.20 -19.00 -2.88
C GLU L 16 11.02 -18.41 -1.76
N ARG L 17 10.75 -17.17 -1.39
CA ARG L 17 11.57 -16.57 -0.33
C ARG L 17 11.36 -17.35 0.98
N GLU L 18 10.12 -17.69 1.27
CA GLU L 18 9.87 -18.36 2.49
C GLU L 18 10.45 -19.78 2.50
N TYR L 19 10.41 -20.44 1.34
CA TYR L 19 10.86 -21.81 1.22
C TYR L 19 12.32 -21.93 1.38
N ALA L 20 13.03 -20.98 0.79
CA ALA L 20 14.49 -20.83 0.96
C ALA L 20 14.89 -20.69 2.44
N ALA L 21 14.05 -20.02 3.22
CA ALA L 21 14.28 -19.81 4.67
C ALA L 21 14.02 -21.07 5.51
N ASN L 22 12.95 -21.79 5.17
CA ASN L 22 12.58 -23.05 5.79
C ASN L 22 11.66 -23.85 4.83
N LYS L 23 12.01 -25.13 4.66
CA LYS L 23 11.31 -26.07 3.79
C LYS L 23 9.91 -26.47 4.24
N PHE L 24 9.62 -26.33 5.52
CA PHE L 24 8.31 -26.67 6.07
C PHE L 24 7.69 -25.38 6.61
N ILE L 25 6.49 -25.06 6.14
CA ILE L 25 5.81 -23.83 6.55
C ILE L 25 5.30 -24.01 8.00
N THR L 26 5.56 -23.05 8.87
CA THR L 26 4.91 -23.01 10.18
C THR L 26 3.51 -22.36 10.03
N LYS L 27 2.65 -22.49 11.04
CA LYS L 27 1.32 -21.87 11.01
C LYS L 27 1.33 -20.32 10.93
N ASP L 28 2.26 -19.68 11.63
CA ASP L 28 2.33 -18.23 11.65
C ASP L 28 2.86 -17.71 10.31
N LYS L 29 3.93 -18.32 9.80
CA LYS L 29 4.45 -17.98 8.48
C LYS L 29 3.45 -18.25 7.36
N ARG L 30 2.58 -19.26 7.55
CA ARG L 30 1.59 -19.58 6.56
C ARG L 30 0.51 -18.52 6.54
N ARG L 31 0.02 -18.10 7.69
CA ARG L 31 -0.96 -17.01 7.65
C ARG L 31 -0.32 -15.66 7.25
N LYS L 32 0.98 -15.53 7.40
CA LYS L 32 1.66 -14.33 6.87
C LYS L 32 1.76 -14.36 5.33
N ILE L 33 2.05 -15.52 4.77
CA ILE L 33 2.14 -15.62 3.33
C ILE L 33 0.78 -15.44 2.70
N SER L 34 -0.23 -15.94 3.35
CA SER L 34 -1.60 -15.79 2.83
C SER L 34 -1.97 -14.31 2.71
N ALA L 35 -1.69 -13.56 3.80
CA ALA L 35 -1.84 -12.12 3.79
C ALA L 35 -1.17 -11.51 2.59
N ALA L 36 0.12 -11.81 2.42
CA ALA L 36 0.93 -11.15 1.41
C ALA L 36 0.56 -11.59 0.01
N THR L 37 0.10 -12.83 -0.17
CA THR L 37 -0.22 -13.33 -1.52
C THR L 37 -1.65 -13.42 -1.91
N SER L 38 -2.58 -13.41 -0.93
CA SER L 38 -4.01 -13.74 -1.21
C SER L 38 -4.35 -15.21 -1.67
N LEU L 39 -3.37 -16.14 -1.51
CA LEU L 39 -3.58 -17.56 -1.70
C LEU L 39 -4.13 -18.03 -0.39
N SER L 40 -4.99 -19.05 -0.40
CA SER L 40 -5.46 -19.65 0.86
C SER L 40 -4.35 -20.43 1.56
N GLU L 41 -4.50 -20.57 2.86
CA GLU L 41 -3.57 -21.37 3.67
C GLU L 41 -3.44 -22.78 3.03
N ARG L 42 -4.55 -23.41 2.60
CA ARG L 42 -4.49 -24.73 1.92
C ARG L 42 -3.59 -24.67 0.67
N GLN L 43 -3.76 -23.62 -0.12
CA GLN L 43 -2.96 -23.53 -1.32
C GLN L 43 -1.47 -23.47 -0.98
N ILE L 44 -1.17 -22.73 0.08
CA ILE L 44 0.21 -22.57 0.53
C ILE L 44 0.85 -23.87 1.02
N THR L 45 0.09 -24.61 1.79
CA THR L 45 0.53 -25.93 2.24
C THR L 45 0.81 -26.83 1.08
N ILE L 46 -0.02 -26.73 0.08
CA ILE L 46 0.08 -27.59 -1.08
C ILE L 46 1.28 -27.19 -1.91
N TRP L 47 1.50 -25.90 -2.01
CA TRP L 47 2.67 -25.42 -2.70
C TRP L 47 3.94 -25.89 -2.03
N PHE L 48 4.01 -25.79 -0.68
CA PHE L 48 5.17 -26.29 0.01
C PHE L 48 5.35 -27.82 -0.22
N GLN L 49 4.30 -28.54 -0.03
CA GLN L 49 4.31 -29.99 -0.35
C GLN L 49 4.89 -30.21 -1.74
N ASN L 50 4.35 -29.49 -2.70
CA ASN L 50 4.80 -29.60 -4.04
C ASN L 50 6.22 -29.19 -4.26
N ARG L 51 6.70 -28.19 -3.55
CA ARG L 51 8.00 -27.70 -3.75
C ARG L 51 9.04 -28.69 -3.28
N ARG L 52 8.78 -29.37 -2.16
CA ARG L 52 9.70 -30.41 -1.71
C ARG L 52 9.79 -31.59 -2.71
N VAL L 53 8.67 -31.97 -3.35
CA VAL L 53 8.72 -33.03 -4.40
C VAL L 53 9.68 -32.57 -5.49
N LYS L 54 9.60 -31.27 -5.86
CA LYS L 54 10.47 -30.72 -6.90
C LYS L 54 11.94 -30.72 -6.48
N GLU L 55 12.19 -30.38 -5.23
CA GLU L 55 13.57 -30.32 -4.78
C GLU L 55 14.14 -31.77 -4.75
N LYS L 56 13.32 -32.72 -4.31
CA LYS L 56 13.68 -34.16 -4.32
C LYS L 56 14.00 -34.61 -5.76
N LYS L 57 13.10 -34.28 -6.68
CA LYS L 57 13.28 -34.51 -8.12
C LYS L 57 14.51 -33.89 -8.71
N VAL L 58 14.79 -32.62 -8.36
CA VAL L 58 15.79 -31.86 -9.10
C VAL L 58 17.20 -32.34 -8.78
N LEU L 59 17.37 -33.01 -7.65
CA LEU L 59 18.61 -33.73 -7.34
C LEU L 59 18.69 -35.04 -8.19
N ALA L 60 18.69 -34.87 -9.53
CA ALA L 60 18.57 -35.94 -10.55
C ALA L 60 19.93 -36.49 -10.97
N LYS L 61 21.00 -35.68 -10.86
CA LYS L 61 22.41 -36.14 -10.98
C LYS L 61 22.77 -36.78 -12.34
#